data_9GLF
#
_entry.id   9GLF
#
_cell.length_a   54.380
_cell.length_b   154.460
_cell.length_c   91.060
_cell.angle_alpha   90.000
_cell.angle_beta   90.000
_cell.angle_gamma   90.000
#
_symmetry.space_group_name_H-M   'C 2 2 21'
#
loop_
_entity.id
_entity.type
_entity.pdbx_description
1 polymer AntI
2 non-polymer 'PHENYLETHYLENECARBOXYLIC ACID'
3 non-polymer 'SODIUM ION'
4 non-polymer 1,2-ETHANEDIOL
5 non-polymer DI(HYDROXYETHYL)ETHER
6 non-polymer 'TETRAETHYLENE GLYCOL'
7 non-polymer 'ACETATE ION'
8 water water
#
_entity_poly.entity_id   1
_entity_poly.type   'polypeptide(L)'
_entity_poly.pdbx_seq_one_letter_code
;GSSHHHHHHSGDPASMNNKNKPNRISPELLATCGYFMPRIFFLNSQYAPQVHWGDVVAALSHFPAGNLDLSSEEFWYEWM
INWSKVGDSYINIANSAKSEVSHVRALRSAAACYHWAEFMYFSDRSRKIQLREYIRSCFLSSIKYSDLLVDHQYIVVDKF
HMPFFLIFPKGYKEEENHPLPCVILSNGLDSMTEIEILSLAEFFLGKNMAVAIFDGPGQGINLGKSPIAIDMELYVSSIV
KLLEDDARINSNLLCFLGISFGGYFALRVAQRIGDKFCCIVNLSGGPEIAEFDKLPRRLKEDFQFAFMQDNSHMQSIFDE
IKLDISLPCKTKVFTVHGELDDIFQIDKVKKLDQLWGDNHQLLCYESEAHVCLNKINEYMIQVSDWVSEQFWLNGYKKG
;
_entity_poly.pdbx_strand_id   A
#
# COMPACT_ATOMS: atom_id res chain seq x y z
N ASN A 20 3.56 -2.81 -40.86
CA ASN A 20 3.44 -2.53 -39.40
C ASN A 20 2.95 -3.79 -38.67
N LYS A 21 3.47 -4.03 -37.46
CA LYS A 21 2.97 -5.07 -36.51
C LYS A 21 2.18 -4.37 -35.41
N PRO A 22 1.18 -5.02 -34.79
CA PRO A 22 0.45 -4.42 -33.68
C PRO A 22 1.37 -4.06 -32.50
N ASN A 23 1.05 -3.01 -31.76
CA ASN A 23 1.79 -2.65 -30.53
C ASN A 23 1.67 -3.81 -29.54
N ARG A 24 2.82 -4.32 -29.09
CA ARG A 24 2.95 -5.50 -28.21
C ARG A 24 4.14 -5.25 -27.27
N ILE A 25 4.17 -5.92 -26.14
CA ILE A 25 5.32 -5.92 -25.19
C ILE A 25 6.28 -7.02 -25.63
N SER A 26 7.58 -6.72 -25.67
CA SER A 26 8.66 -7.69 -25.91
C SER A 26 8.55 -8.86 -24.94
N PRO A 27 8.74 -10.12 -25.41
CA PRO A 27 8.79 -11.29 -24.52
C PRO A 27 9.89 -11.19 -23.45
N GLU A 28 11.06 -10.68 -23.85
CA GLU A 28 12.23 -10.44 -22.98
C GLU A 28 11.81 -9.54 -21.82
N LEU A 29 11.09 -8.47 -22.14
CA LEU A 29 10.65 -7.47 -21.14
C LEU A 29 9.57 -8.06 -20.24
N LEU A 30 8.61 -8.80 -20.80
CA LEU A 30 7.52 -9.42 -19.97
C LEU A 30 8.16 -10.40 -18.96
N ALA A 31 9.11 -11.21 -19.39
CA ALA A 31 9.90 -12.15 -18.54
C ALA A 31 10.55 -11.38 -17.39
N THR A 32 11.35 -10.37 -17.73
CA THR A 32 12.13 -9.53 -16.78
C THR A 32 11.19 -8.97 -15.73
N CYS A 33 10.01 -8.52 -16.14
CA CYS A 33 9.03 -7.80 -15.27
C CYS A 33 8.07 -8.75 -14.56
N GLY A 34 8.20 -10.07 -14.71
CA GLY A 34 7.26 -11.06 -14.15
C GLY A 34 6.97 -10.81 -12.68
N TYR A 35 7.99 -10.46 -11.90
CA TYR A 35 7.82 -10.20 -10.44
C TYR A 35 6.88 -9.01 -10.20
N PHE A 36 6.94 -8.01 -11.09
CA PHE A 36 6.21 -6.74 -10.92
C PHE A 36 4.83 -6.79 -11.57
N MET A 37 4.57 -7.68 -12.54
CA MET A 37 3.27 -7.64 -13.26
C MET A 37 2.09 -7.81 -12.29
N PRO A 38 2.14 -8.76 -11.34
CA PRO A 38 1.05 -8.94 -10.38
C PRO A 38 0.84 -7.68 -9.53
N ARG A 39 1.92 -6.92 -9.30
CA ARG A 39 1.84 -5.68 -8.49
C ARG A 39 1.20 -4.56 -9.32
N ILE A 40 1.61 -4.45 -10.59
CA ILE A 40 1.10 -3.39 -11.50
C ILE A 40 -0.41 -3.56 -11.73
N PHE A 41 -0.87 -4.78 -11.94
CA PHE A 41 -2.31 -5.04 -12.18
C PHE A 41 -3.08 -5.03 -10.85
N PHE A 42 -2.42 -5.47 -9.78
CA PHE A 42 -2.93 -5.49 -8.39
C PHE A 42 -4.38 -6.00 -8.39
N LEU A 43 -5.28 -5.33 -7.68
CA LEU A 43 -6.64 -5.82 -7.40
C LEU A 43 -7.64 -5.13 -8.32
N ASN A 44 -8.61 -5.88 -8.79
CA ASN A 44 -9.73 -5.33 -9.56
C ASN A 44 -10.58 -4.55 -8.58
N SER A 45 -10.56 -3.25 -8.75
CA SER A 45 -11.18 -2.32 -7.76
CA SER A 45 -11.14 -2.27 -7.78
C SER A 45 -12.36 -1.59 -8.39
N GLN A 46 -13.12 -0.91 -7.54
CA GLN A 46 -14.27 -0.06 -7.94
C GLN A 46 -13.83 1.40 -7.97
N TYR A 47 -13.01 1.78 -6.99
CA TYR A 47 -12.64 3.20 -6.72
C TYR A 47 -11.15 3.44 -6.97
N ALA A 48 -10.29 2.58 -6.43
CA ALA A 48 -8.83 2.76 -6.56
C ALA A 48 -8.45 2.76 -8.04
N PRO A 49 -7.60 3.70 -8.46
CA PRO A 49 -7.01 3.67 -9.79
C PRO A 49 -6.40 2.31 -10.13
N GLN A 50 -6.57 1.87 -11.38
CA GLN A 50 -6.01 0.60 -11.86
C GLN A 50 -5.67 0.70 -13.35
N VAL A 51 -4.54 0.14 -13.76
CA VAL A 51 -4.19 0.06 -15.20
C VAL A 51 -5.05 -0.98 -15.89
N HIS A 52 -5.17 -0.78 -17.20
CA HIS A 52 -5.62 -1.81 -18.16
C HIS A 52 -4.41 -2.44 -18.82
N TRP A 53 -4.57 -3.63 -19.40
CA TRP A 53 -3.48 -4.27 -20.17
C TRP A 53 -2.91 -3.27 -21.19
N GLY A 54 -3.78 -2.60 -21.95
CA GLY A 54 -3.32 -1.66 -22.99
C GLY A 54 -2.48 -0.51 -22.45
N ASP A 55 -2.61 -0.17 -21.18
CA ASP A 55 -1.76 0.88 -20.57
C ASP A 55 -0.33 0.35 -20.45
N VAL A 56 -0.21 -0.93 -20.08
CA VAL A 56 1.12 -1.59 -19.98
C VAL A 56 1.74 -1.65 -21.38
N VAL A 57 0.93 -1.97 -22.39
CA VAL A 57 1.42 -1.98 -23.80
C VAL A 57 1.86 -0.56 -24.18
N ALA A 58 1.05 0.47 -23.86
CA ALA A 58 1.42 1.87 -24.18
C ALA A 58 2.76 2.22 -23.53
N ALA A 59 2.97 1.78 -22.29
CA ALA A 59 4.20 2.11 -21.56
C ALA A 59 5.39 1.34 -22.13
N LEU A 60 5.22 0.07 -22.47
CA LEU A 60 6.37 -0.84 -22.70
C LEU A 60 6.57 -1.22 -24.18
N SER A 61 5.62 -0.94 -25.07
CA SER A 61 5.70 -1.43 -26.48
C SER A 61 6.92 -0.85 -27.20
N HIS A 62 7.37 0.36 -26.81
CA HIS A 62 8.53 1.05 -27.44
C HIS A 62 9.65 1.22 -26.43
N PHE A 63 9.65 0.40 -25.37
CA PHE A 63 10.72 0.39 -24.33
C PHE A 63 12.02 -0.02 -25.00
N PRO A 64 13.14 0.70 -24.76
CA PRO A 64 14.38 0.41 -25.48
C PRO A 64 14.86 -1.02 -25.18
N ALA A 65 15.25 -1.75 -26.23
CA ALA A 65 15.86 -3.11 -26.15
C ALA A 65 17.19 -3.03 -25.41
N GLY A 66 17.61 -4.16 -24.81
CA GLY A 66 18.93 -4.32 -24.16
C GLY A 66 19.03 -3.59 -22.85
N ASN A 67 17.88 -3.24 -22.26
CA ASN A 67 17.73 -2.51 -20.97
C ASN A 67 16.83 -3.36 -20.08
N LEU A 68 17.40 -4.33 -19.34
CA LEU A 68 16.60 -5.40 -18.67
C LEU A 68 17.09 -5.66 -17.23
N ASP A 69 17.93 -4.79 -16.68
CA ASP A 69 18.51 -4.98 -15.32
C ASP A 69 17.61 -4.27 -14.32
N LEU A 70 16.80 -5.01 -13.55
CA LEU A 70 15.87 -4.46 -12.54
C LEU A 70 16.65 -3.78 -11.41
N SER A 71 17.96 -4.06 -11.28
CA SER A 71 18.83 -3.42 -10.25
C SER A 71 19.43 -2.11 -10.79
N SER A 72 19.25 -1.83 -12.08
CA SER A 72 19.94 -0.71 -12.75
C SER A 72 19.08 0.56 -12.74
N GLU A 73 19.75 1.68 -12.53
CA GLU A 73 19.15 3.03 -12.55
C GLU A 73 18.58 3.35 -13.94
N GLU A 74 19.27 2.90 -14.99
CA GLU A 74 18.92 3.23 -16.40
C GLU A 74 17.57 2.57 -16.74
N PHE A 75 17.31 1.38 -16.21
CA PHE A 75 16.03 0.66 -16.49
C PHE A 75 14.88 1.52 -15.96
N TRP A 76 14.99 1.93 -14.70
CA TRP A 76 13.89 2.62 -14.01
C TRP A 76 13.72 4.06 -14.53
N TYR A 77 14.78 4.69 -15.02
CA TYR A 77 14.62 6.00 -15.70
C TYR A 77 13.70 5.82 -16.92
N GLU A 78 14.01 4.86 -17.78
CA GLU A 78 13.21 4.67 -19.01
C GLU A 78 11.80 4.23 -18.62
N TRP A 79 11.65 3.43 -17.57
CA TRP A 79 10.32 3.01 -17.07
C TRP A 79 9.53 4.25 -16.65
N MET A 80 10.14 5.14 -15.91
CA MET A 80 9.47 6.38 -15.43
C MET A 80 9.02 7.22 -16.64
N ILE A 81 9.92 7.45 -17.60
CA ILE A 81 9.64 8.27 -18.82
C ILE A 81 8.43 7.67 -19.55
N ASN A 82 8.44 6.35 -19.73
CA ASN A 82 7.44 5.71 -20.63
C ASN A 82 6.10 5.67 -19.90
N TRP A 83 6.05 5.36 -18.61
CA TRP A 83 4.78 5.39 -17.86
C TRP A 83 4.26 6.81 -17.74
N SER A 84 5.13 7.80 -17.58
CA SER A 84 4.72 9.22 -17.50
C SER A 84 3.95 9.62 -18.78
N LYS A 85 4.41 9.16 -19.94
CA LYS A 85 3.74 9.46 -21.23
C LYS A 85 2.30 8.95 -21.18
N VAL A 86 2.10 7.76 -20.62
CA VAL A 86 0.75 7.15 -20.57
C VAL A 86 -0.12 7.98 -19.60
N GLY A 87 0.42 8.33 -18.43
CA GLY A 87 -0.29 9.22 -17.49
C GLY A 87 -0.71 10.52 -18.15
N ASP A 88 0.23 11.16 -18.85
CA ASP A 88 -0.03 12.43 -19.57
C ASP A 88 -1.21 12.24 -20.54
N SER A 89 -1.20 11.14 -21.29
CA SER A 89 -2.27 10.86 -22.27
CA SER A 89 -2.27 10.83 -22.27
C SER A 89 -3.63 10.82 -21.56
N TYR A 90 -3.72 10.20 -20.39
CA TYR A 90 -5.00 10.14 -19.64
C TYR A 90 -5.37 11.51 -19.06
N ILE A 91 -4.40 12.34 -18.65
CA ILE A 91 -4.72 13.71 -18.21
C ILE A 91 -5.33 14.48 -19.39
N ASN A 92 -4.78 14.30 -20.59
CA ASN A 92 -5.30 14.97 -21.81
C ASN A 92 -6.75 14.50 -22.04
N ILE A 93 -7.03 13.22 -21.87
CA ILE A 93 -8.42 12.68 -21.99
C ILE A 93 -9.29 13.32 -20.90
N ALA A 94 -8.80 13.38 -19.67
CA ALA A 94 -9.56 13.96 -18.53
C ALA A 94 -9.92 15.42 -18.84
N ASN A 95 -8.98 16.17 -19.40
CA ASN A 95 -9.11 17.63 -19.59
C ASN A 95 -10.13 17.94 -20.69
N SER A 96 -10.32 17.03 -21.63
CA SER A 96 -11.27 17.21 -22.78
CA SER A 96 -11.27 17.22 -22.77
C SER A 96 -12.52 16.37 -22.59
N ALA A 97 -12.63 15.64 -21.47
CA ALA A 97 -13.76 14.71 -21.19
C ALA A 97 -15.09 15.49 -21.22
N LYS A 98 -16.12 14.90 -21.81
CA LYS A 98 -17.42 15.59 -22.06
C LYS A 98 -18.37 15.36 -20.86
N SER A 99 -18.01 14.46 -19.94
CA SER A 99 -18.86 14.12 -18.77
C SER A 99 -18.00 13.98 -17.50
N GLU A 100 -18.63 14.17 -16.35
CA GLU A 100 -17.95 13.96 -15.04
C GLU A 100 -17.49 12.50 -14.93
N VAL A 101 -18.31 11.54 -15.33
CA VAL A 101 -17.96 10.10 -15.17
C VAL A 101 -16.71 9.82 -16.03
N SER A 102 -16.63 10.35 -17.24
CA SER A 102 -15.46 10.14 -18.13
C SER A 102 -14.24 10.83 -17.54
N HIS A 103 -14.43 12.05 -17.03
CA HIS A 103 -13.34 12.82 -16.40
C HIS A 103 -12.69 11.98 -15.29
N VAL A 104 -13.52 11.43 -14.41
CA VAL A 104 -13.03 10.66 -13.23
C VAL A 104 -12.36 9.38 -13.71
N ARG A 105 -12.93 8.67 -14.68
CA ARG A 105 -12.27 7.43 -15.12
CA ARG A 105 -12.32 7.44 -15.24
C ARG A 105 -10.89 7.75 -15.68
N ALA A 106 -10.73 8.85 -16.40
CA ALA A 106 -9.44 9.26 -16.97
C ALA A 106 -8.47 9.68 -15.86
N LEU A 107 -8.95 10.40 -14.84
CA LEU A 107 -8.08 10.82 -13.71
C LEU A 107 -7.57 9.55 -13.01
N ARG A 108 -8.45 8.57 -12.82
N ARG A 108 -8.45 8.56 -12.85
CA ARG A 108 -8.07 7.30 -12.16
CA ARG A 108 -8.10 7.30 -12.15
C ARG A 108 -6.98 6.62 -12.99
C ARG A 108 -7.02 6.56 -12.97
N SER A 109 -7.20 6.45 -14.28
CA SER A 109 -6.19 5.80 -15.16
C SER A 109 -4.86 6.57 -15.10
N ALA A 110 -4.91 7.91 -15.15
CA ALA A 110 -3.68 8.74 -15.07
C ALA A 110 -2.95 8.45 -13.75
N ALA A 111 -3.69 8.45 -12.64
CA ALA A 111 -3.08 8.26 -11.30
C ALA A 111 -2.36 6.91 -11.26
N ALA A 112 -2.98 5.86 -11.78
CA ALA A 112 -2.37 4.51 -11.76
C ALA A 112 -1.06 4.57 -12.55
N CYS A 113 -1.10 5.14 -13.74
CA CYS A 113 0.09 5.22 -14.60
C CYS A 113 1.21 6.02 -13.92
N TYR A 114 0.88 7.17 -13.32
CA TYR A 114 1.91 7.99 -12.65
C TYR A 114 2.49 7.22 -11.46
N HIS A 115 1.67 6.40 -10.79
CA HIS A 115 2.23 5.58 -9.69
C HIS A 115 3.24 4.57 -10.24
N TRP A 116 2.96 3.87 -11.33
CA TRP A 116 3.93 2.88 -11.81
C TRP A 116 5.16 3.62 -12.37
N ALA A 117 4.99 4.85 -12.86
CA ALA A 117 6.14 5.68 -13.26
C ALA A 117 7.10 5.89 -12.09
N GLU A 118 6.56 6.19 -10.92
CA GLU A 118 7.37 6.71 -9.78
C GLU A 118 7.80 5.61 -8.79
N PHE A 119 7.06 4.51 -8.65
CA PHE A 119 7.16 3.69 -7.43
C PHE A 119 8.55 3.07 -7.26
N MET A 120 9.31 2.86 -8.33
CA MET A 120 10.67 2.27 -8.25
C MET A 120 11.71 3.21 -8.88
N TYR A 121 11.41 4.51 -8.91
CA TYR A 121 12.29 5.57 -9.46
C TYR A 121 12.72 6.48 -8.31
N PHE A 122 14.03 6.57 -8.07
CA PHE A 122 14.57 7.26 -6.87
C PHE A 122 15.61 8.32 -7.26
N SER A 123 15.88 8.53 -8.53
CA SER A 123 17.11 9.24 -8.98
C SER A 123 16.91 10.76 -9.03
N ASP A 124 15.67 11.24 -9.11
CA ASP A 124 15.31 12.68 -9.12
C ASP A 124 14.22 12.85 -8.07
N ARG A 125 14.59 13.27 -6.86
CA ARG A 125 13.68 13.41 -5.71
C ARG A 125 12.50 14.31 -6.11
N SER A 126 12.78 15.44 -6.74
CA SER A 126 11.73 16.41 -7.13
C SER A 126 10.76 15.78 -8.13
N ARG A 127 11.27 15.03 -9.10
CA ARG A 127 10.40 14.38 -10.11
C ARG A 127 9.49 13.36 -9.41
N LYS A 128 10.06 12.57 -8.51
CA LYS A 128 9.25 11.54 -7.81
C LYS A 128 8.17 12.22 -6.98
N ILE A 129 8.50 13.25 -6.22
CA ILE A 129 7.52 14.01 -5.40
C ILE A 129 6.45 14.59 -6.33
N GLN A 130 6.85 15.13 -7.48
CA GLN A 130 5.90 15.71 -8.47
C GLN A 130 4.90 14.63 -8.92
N LEU A 131 5.40 13.44 -9.24
CA LEU A 131 4.49 12.36 -9.70
C LEU A 131 3.51 12.00 -8.58
N ARG A 132 3.97 11.92 -7.33
CA ARG A 132 3.05 11.62 -6.20
C ARG A 132 2.04 12.77 -6.01
N GLU A 133 2.45 14.02 -6.24
CA GLU A 133 1.51 15.16 -6.17
C GLU A 133 0.47 15.02 -7.29
N TYR A 134 0.87 14.58 -8.48
CA TYR A 134 -0.10 14.37 -9.57
C TYR A 134 -1.16 13.36 -9.09
N ILE A 135 -0.71 12.24 -8.55
CA ILE A 135 -1.61 11.15 -8.05
C ILE A 135 -2.57 11.74 -7.03
N ARG A 136 -2.04 12.43 -6.02
CA ARG A 136 -2.90 12.97 -4.93
C ARG A 136 -3.89 13.99 -5.50
N SER A 137 -3.49 14.81 -6.47
CA SER A 137 -4.40 15.78 -7.13
C SER A 137 -5.52 15.02 -7.85
N CYS A 138 -5.19 13.92 -8.53
CA CYS A 138 -6.19 13.03 -9.18
C CYS A 138 -7.19 12.54 -8.14
N PHE A 139 -6.70 12.09 -6.99
CA PHE A 139 -7.55 11.53 -5.91
C PHE A 139 -8.46 12.61 -5.32
N LEU A 140 -7.87 13.73 -4.92
CA LEU A 140 -8.63 14.84 -4.26
C LEU A 140 -9.66 15.39 -5.23
N SER A 141 -9.32 15.53 -6.52
CA SER A 141 -10.23 16.02 -7.59
C SER A 141 -11.42 15.06 -7.72
N SER A 142 -11.17 13.75 -7.57
CA SER A 142 -12.17 12.68 -7.80
C SER A 142 -13.15 12.58 -6.63
N ILE A 143 -12.74 12.97 -5.42
CA ILE A 143 -13.56 12.75 -4.19
C ILE A 143 -14.95 13.39 -4.37
N LYS A 144 -15.06 14.62 -4.86
CA LYS A 144 -16.36 15.34 -4.92
C LYS A 144 -17.36 14.56 -5.78
N TYR A 145 -16.89 13.73 -6.73
CA TYR A 145 -17.75 12.93 -7.63
C TYR A 145 -17.99 11.52 -7.08
N SER A 146 -17.28 11.12 -6.03
CA SER A 146 -17.34 9.74 -5.48
C SER A 146 -18.68 9.51 -4.81
N ASP A 147 -19.15 8.27 -4.77
CA ASP A 147 -20.34 7.90 -3.96
C ASP A 147 -19.85 7.38 -2.59
N LEU A 148 -18.53 7.39 -2.34
CA LEU A 148 -17.94 7.21 -0.98
C LEU A 148 -17.90 8.57 -0.26
N LEU A 149 -18.30 8.59 1.01
CA LEU A 149 -18.05 9.74 1.90
C LEU A 149 -16.59 9.67 2.35
N VAL A 150 -15.79 10.65 1.95
CA VAL A 150 -14.37 10.77 2.37
C VAL A 150 -14.25 11.98 3.28
N ASP A 151 -13.88 11.74 4.53
CA ASP A 151 -13.56 12.80 5.53
C ASP A 151 -12.03 12.90 5.56
N HIS A 152 -11.48 13.91 4.88
CA HIS A 152 -10.03 14.17 4.73
C HIS A 152 -9.63 15.27 5.73
N GLN A 153 -8.59 15.05 6.52
CA GLN A 153 -8.03 16.11 7.39
C GLN A 153 -6.56 15.81 7.69
N TYR A 154 -5.90 16.73 8.37
CA TYR A 154 -4.58 16.49 8.98
C TYR A 154 -4.80 16.09 10.43
N ILE A 155 -4.11 15.03 10.87
CA ILE A 155 -3.93 14.72 12.31
C ILE A 155 -2.57 15.28 12.72
N VAL A 156 -2.55 16.14 13.72
CA VAL A 156 -1.30 16.74 14.25
C VAL A 156 -0.72 15.75 15.27
N VAL A 157 0.50 15.29 15.00
CA VAL A 157 1.31 14.43 15.91
C VAL A 157 2.60 15.20 16.22
N ASP A 158 2.64 15.84 17.39
CA ASP A 158 3.66 16.84 17.79
C ASP A 158 3.69 17.94 16.72
N LYS A 159 4.73 17.99 15.88
CA LYS A 159 4.92 19.05 14.84
C LYS A 159 4.48 18.52 13.47
N PHE A 160 4.19 17.22 13.36
CA PHE A 160 3.90 16.53 12.08
C PHE A 160 2.42 16.61 11.75
N HIS A 161 2.10 17.14 10.56
CA HIS A 161 0.71 17.23 10.04
C HIS A 161 0.48 16.02 9.11
N MET A 162 -0.26 15.03 9.62
CA MET A 162 -0.40 13.72 8.95
C MET A 162 -1.67 13.71 8.09
N PRO A 163 -1.54 13.66 6.74
CA PRO A 163 -2.71 13.48 5.89
C PRO A 163 -3.45 12.21 6.27
N PHE A 164 -4.78 12.31 6.35
CA PHE A 164 -5.65 11.26 6.91
C PHE A 164 -6.98 11.24 6.14
N PHE A 165 -7.43 10.04 5.78
CA PHE A 165 -8.71 9.84 5.06
C PHE A 165 -9.52 8.80 5.81
N LEU A 166 -10.68 9.21 6.29
CA LEU A 166 -11.68 8.30 6.89
C LEU A 166 -12.78 8.12 5.85
N ILE A 167 -12.97 6.89 5.38
CA ILE A 167 -13.84 6.61 4.21
C ILE A 167 -14.95 5.69 4.69
N PHE A 168 -16.18 6.03 4.32
CA PHE A 168 -17.40 5.28 4.72
C PHE A 168 -17.92 4.49 3.53
N PRO A 169 -18.57 3.34 3.80
CA PRO A 169 -19.13 2.49 2.75
C PRO A 169 -20.13 3.22 1.84
N LYS A 170 -20.29 2.70 0.62
CA LYS A 170 -21.30 3.16 -0.36
C LYS A 170 -22.67 3.25 0.34
N GLY A 171 -23.37 4.38 0.17
CA GLY A 171 -24.74 4.58 0.66
C GLY A 171 -24.79 4.76 2.17
N TYR A 172 -23.66 5.11 2.78
CA TYR A 172 -23.58 5.32 4.25
C TYR A 172 -24.39 6.56 4.66
N LYS A 173 -25.27 6.39 5.65
CA LYS A 173 -25.99 7.49 6.36
C LYS A 173 -25.87 7.24 7.86
N GLU A 174 -25.34 8.20 8.62
CA GLU A 174 -25.08 8.06 10.08
C GLU A 174 -26.38 7.68 10.79
N GLU A 175 -27.52 8.26 10.39
CA GLU A 175 -28.81 8.09 11.08
C GLU A 175 -29.39 6.69 10.83
N GLU A 176 -28.92 5.99 9.79
CA GLU A 176 -29.39 4.63 9.39
C GLU A 176 -28.47 3.53 9.93
N ASN A 177 -27.43 3.89 10.71
CA ASN A 177 -26.33 2.97 11.06
C ASN A 177 -26.03 3.08 12.56
N HIS A 178 -25.66 1.96 13.17
CA HIS A 178 -24.89 1.94 14.44
C HIS A 178 -23.46 2.38 14.13
N PRO A 179 -22.68 2.79 15.14
CA PRO A 179 -21.27 3.08 14.93
C PRO A 179 -20.59 1.89 14.24
N LEU A 180 -19.76 2.18 13.23
CA LEU A 180 -19.18 1.15 12.34
C LEU A 180 -17.86 0.64 12.87
N PRO A 181 -17.52 -0.64 12.61
CA PRO A 181 -16.14 -1.09 12.75
C PRO A 181 -15.25 -0.27 11.81
N CYS A 182 -13.96 -0.21 12.10
CA CYS A 182 -13.02 0.55 11.25
C CYS A 182 -11.71 -0.22 11.09
N VAL A 183 -11.23 -0.31 9.86
CA VAL A 183 -9.91 -0.91 9.54
C VAL A 183 -8.96 0.24 9.20
N ILE A 184 -7.87 0.35 9.95
CA ILE A 184 -6.74 1.26 9.64
C ILE A 184 -5.76 0.49 8.75
N LEU A 185 -5.44 1.01 7.57
CA LEU A 185 -4.51 0.34 6.64
C LEU A 185 -3.27 1.22 6.44
N SER A 186 -2.10 0.60 6.55
CA SER A 186 -0.81 1.28 6.35
C SER A 186 -0.20 0.93 4.98
N ASN A 187 0.34 1.96 4.34
CA ASN A 187 1.33 1.82 3.24
C ASN A 187 2.52 0.98 3.69
N GLY A 188 3.16 0.36 2.70
N GLY A 188 3.26 0.45 2.72
CA GLY A 188 4.57 -0.03 2.81
CA GLY A 188 4.63 -0.05 2.97
C GLY A 188 5.46 1.01 2.14
C GLY A 188 5.66 1.02 2.67
N LEU A 189 6.72 0.66 1.92
CA LEU A 189 7.82 1.58 1.54
C LEU A 189 7.49 2.37 0.27
N ASP A 190 6.82 1.73 -0.67
CA ASP A 190 6.76 2.23 -2.07
C ASP A 190 5.31 2.17 -2.59
N SER A 191 4.34 1.83 -1.75
CA SER A 191 2.92 1.93 -2.15
C SER A 191 2.52 3.40 -2.16
N MET A 192 1.39 3.69 -2.80
CA MET A 192 0.71 5.00 -2.69
C MET A 192 -0.67 4.77 -2.07
N THR A 193 -1.07 5.64 -1.16
CA THR A 193 -2.24 5.49 -0.28
C THR A 193 -3.48 5.16 -1.11
N GLU A 194 -3.74 5.95 -2.14
CA GLU A 194 -5.00 5.87 -2.93
C GLU A 194 -4.88 4.79 -4.02
N ILE A 195 -3.75 4.10 -4.14
CA ILE A 195 -3.57 3.04 -5.18
C ILE A 195 -3.67 1.68 -4.48
N GLU A 196 -2.56 1.15 -3.97
CA GLU A 196 -2.63 -0.22 -3.38
C GLU A 196 -3.50 -0.18 -2.12
N ILE A 197 -3.38 0.83 -1.29
CA ILE A 197 -3.99 0.74 0.06
C ILE A 197 -5.50 0.92 -0.05
N LEU A 198 -5.97 1.88 -0.86
CA LEU A 198 -7.41 1.99 -1.14
C LEU A 198 -7.92 0.70 -1.80
N SER A 199 -7.14 0.08 -2.69
CA SER A 199 -7.54 -1.21 -3.30
C SER A 199 -7.83 -2.25 -2.21
N LEU A 200 -6.92 -2.38 -1.25
CA LEU A 200 -7.10 -3.34 -0.13
C LEU A 200 -8.33 -2.92 0.68
N ALA A 201 -8.46 -1.63 0.91
CA ALA A 201 -9.51 -1.07 1.79
C ALA A 201 -10.90 -1.43 1.26
N GLU A 202 -11.03 -1.57 -0.06
CA GLU A 202 -12.35 -1.86 -0.67
C GLU A 202 -12.92 -3.18 -0.14
N PHE A 203 -12.07 -4.13 0.26
CA PHE A 203 -12.54 -5.43 0.79
C PHE A 203 -13.29 -5.22 2.11
N PHE A 204 -12.96 -4.14 2.82
CA PHE A 204 -13.59 -3.83 4.12
C PHE A 204 -14.78 -2.88 3.91
N LEU A 205 -14.62 -1.89 3.04
CA LEU A 205 -15.77 -1.01 2.65
C LEU A 205 -16.92 -1.87 2.14
N GLY A 206 -16.60 -2.94 1.40
CA GLY A 206 -17.61 -3.85 0.83
C GLY A 206 -18.38 -4.62 1.89
N LYS A 207 -17.85 -4.67 3.12
CA LYS A 207 -18.48 -5.35 4.27
C LYS A 207 -19.08 -4.33 5.25
N ASN A 208 -19.36 -3.11 4.78
CA ASN A 208 -20.00 -2.02 5.58
C ASN A 208 -19.10 -1.71 6.79
N MET A 209 -17.79 -1.70 6.58
CA MET A 209 -16.82 -1.19 7.57
C MET A 209 -16.28 0.14 7.06
N ALA A 210 -16.01 1.07 7.95
CA ALA A 210 -15.24 2.28 7.62
C ALA A 210 -13.76 1.87 7.46
N VAL A 211 -13.02 2.65 6.71
CA VAL A 211 -11.55 2.46 6.62
C VAL A 211 -10.86 3.79 6.85
N ALA A 212 -9.66 3.69 7.41
CA ALA A 212 -8.79 4.84 7.69
C ALA A 212 -7.46 4.59 7.01
N ILE A 213 -7.13 5.44 6.04
CA ILE A 213 -5.83 5.37 5.31
C ILE A 213 -5.13 6.70 5.52
N PHE A 214 -3.80 6.68 5.46
CA PHE A 214 -3.02 7.80 6.03
C PHE A 214 -1.62 7.82 5.43
N ASP A 215 -1.03 9.01 5.49
CA ASP A 215 0.36 9.25 5.05
C ASP A 215 1.18 9.60 6.30
N GLY A 216 1.72 8.59 6.95
CA GLY A 216 2.72 8.80 8.02
C GLY A 216 3.98 9.46 7.46
N PRO A 217 4.96 9.77 8.33
CA PRO A 217 6.24 10.27 7.85
C PRO A 217 6.83 9.29 6.83
N GLY A 218 7.32 9.81 5.72
CA GLY A 218 7.95 9.00 4.65
C GLY A 218 6.97 8.14 3.89
N GLN A 219 5.65 8.32 4.08
CA GLN A 219 4.61 7.53 3.38
C GLN A 219 3.74 8.43 2.50
N GLY A 220 3.19 7.85 1.43
CA GLY A 220 2.27 8.56 0.54
C GLY A 220 2.91 9.84 0.03
N ILE A 221 2.26 11.01 0.16
CA ILE A 221 2.83 12.28 -0.38
C ILE A 221 4.02 12.73 0.46
N ASN A 222 4.31 12.08 1.59
CA ASN A 222 5.46 12.45 2.45
C ASN A 222 6.73 11.71 2.02
N LEU A 223 6.64 10.74 1.10
CA LEU A 223 7.84 9.97 0.66
C LEU A 223 8.81 10.95 -0.03
N GLY A 224 10.04 11.04 0.46
CA GLY A 224 11.07 11.98 -0.05
C GLY A 224 11.04 13.32 0.65
N LYS A 225 10.08 13.55 1.56
CA LYS A 225 9.93 14.83 2.30
C LYS A 225 10.39 14.63 3.75
N SER A 226 9.88 13.59 4.41
CA SER A 226 10.27 13.19 5.78
C SER A 226 10.71 11.74 5.74
N PRO A 227 11.70 11.34 6.56
CA PRO A 227 12.10 9.94 6.62
C PRO A 227 10.94 9.10 7.17
N ILE A 228 10.84 7.87 6.69
CA ILE A 228 9.84 6.92 7.24
C ILE A 228 10.15 6.70 8.74
N ALA A 229 9.11 6.72 9.56
CA ALA A 229 9.18 6.52 11.02
C ALA A 229 9.19 5.03 11.31
N ILE A 230 10.23 4.51 11.96
CA ILE A 230 10.27 3.08 12.39
C ILE A 230 9.11 2.88 13.38
N ASP A 231 8.91 3.85 14.29
CA ASP A 231 7.87 3.78 15.35
C ASP A 231 6.54 4.28 14.80
N MET A 232 6.08 3.73 13.68
CA MET A 232 4.82 4.20 13.05
C MET A 232 3.64 4.02 14.01
N GLU A 233 3.75 3.13 15.01
CA GLU A 233 2.66 2.90 15.99
C GLU A 233 2.34 4.21 16.75
N LEU A 234 3.29 5.14 16.87
CA LEU A 234 3.03 6.48 17.47
C LEU A 234 1.93 7.18 16.69
N TYR A 235 2.01 7.13 15.36
CA TYR A 235 1.07 7.81 14.43
C TYR A 235 -0.26 7.06 14.44
N VAL A 236 -0.20 5.73 14.50
CA VAL A 236 -1.41 4.88 14.58
C VAL A 236 -2.20 5.21 15.86
N SER A 237 -1.52 5.42 16.98
CA SER A 237 -2.16 5.78 18.28
C SER A 237 -3.01 7.05 18.11
N SER A 238 -2.51 8.04 17.37
CA SER A 238 -3.21 9.32 17.08
C SER A 238 -4.46 9.06 16.24
N ILE A 239 -4.42 8.09 15.31
CA ILE A 239 -5.62 7.71 14.52
C ILE A 239 -6.63 7.08 15.47
N VAL A 240 -6.18 6.18 16.33
CA VAL A 240 -7.07 5.48 17.29
C VAL A 240 -7.79 6.54 18.14
N LYS A 241 -7.09 7.58 18.60
CA LYS A 241 -7.71 8.66 19.42
C LYS A 241 -8.80 9.36 18.61
N LEU A 242 -8.55 9.69 17.33
CA LEU A 242 -9.57 10.34 16.47
C LEU A 242 -10.79 9.42 16.35
N LEU A 243 -10.57 8.12 16.15
CA LEU A 243 -11.68 7.15 15.95
C LEU A 243 -12.49 6.96 17.24
N GLU A 244 -11.83 6.95 18.39
CA GLU A 244 -12.51 6.93 19.71
C GLU A 244 -13.46 8.15 19.81
N ASP A 245 -13.03 9.31 19.32
CA ASP A 245 -13.78 10.60 19.44
C ASP A 245 -14.91 10.68 18.40
N ASP A 246 -14.82 9.96 17.29
CA ASP A 246 -15.81 10.03 16.19
C ASP A 246 -17.00 9.13 16.53
N ALA A 247 -18.19 9.72 16.70
CA ALA A 247 -19.43 8.99 17.09
C ALA A 247 -19.81 7.97 16.02
N ARG A 248 -19.36 8.13 14.78
CA ARG A 248 -19.73 7.25 13.65
C ARG A 248 -18.96 5.93 13.72
N ILE A 249 -17.91 5.86 14.53
CA ILE A 249 -16.97 4.71 14.57
C ILE A 249 -17.08 4.00 15.93
N ASN A 250 -17.21 2.68 15.91
CA ASN A 250 -17.11 1.85 17.12
C ASN A 250 -15.63 1.55 17.36
N SER A 251 -14.98 2.27 18.28
CA SER A 251 -13.53 2.12 18.55
C SER A 251 -13.23 0.81 19.31
N ASN A 252 -14.25 0.05 19.70
CA ASN A 252 -14.05 -1.31 20.28
C ASN A 252 -13.99 -2.34 19.15
N LEU A 253 -14.17 -1.91 17.90
CA LEU A 253 -14.17 -2.79 16.69
C LEU A 253 -13.18 -2.21 15.68
N LEU A 254 -11.90 -2.22 16.05
CA LEU A 254 -10.79 -1.71 15.20
C LEU A 254 -9.91 -2.87 14.72
N CYS A 255 -9.45 -2.75 13.48
CA CYS A 255 -8.42 -3.65 12.90
C CYS A 255 -7.30 -2.77 12.39
N PHE A 256 -6.06 -3.26 12.45
CA PHE A 256 -4.90 -2.63 11.77
C PHE A 256 -4.37 -3.61 10.74
N LEU A 257 -4.27 -3.17 9.48
CA LEU A 257 -3.68 -3.98 8.40
C LEU A 257 -2.49 -3.21 7.81
N GLY A 258 -1.37 -3.91 7.61
CA GLY A 258 -0.24 -3.34 6.87
C GLY A 258 0.23 -4.29 5.79
N ILE A 259 0.77 -3.74 4.71
CA ILE A 259 1.28 -4.55 3.58
C ILE A 259 2.78 -4.31 3.44
N SER A 260 3.55 -5.38 3.26
CA SER A 260 5.02 -5.31 3.03
C SER A 260 5.66 -4.61 4.24
N PHE A 261 6.39 -3.51 4.09
CA PHE A 261 6.99 -2.86 5.28
C PHE A 261 5.87 -2.43 6.24
N GLY A 262 4.68 -2.13 5.72
CA GLY A 262 3.52 -1.81 6.57
C GLY A 262 3.09 -3.00 7.43
N GLY A 263 3.37 -4.22 6.97
CA GLY A 263 3.16 -5.43 7.77
C GLY A 263 4.13 -5.51 8.94
N TYR A 264 5.37 -5.05 8.73
CA TYR A 264 6.33 -4.89 9.84
C TYR A 264 5.69 -3.92 10.84
N PHE A 265 5.13 -2.79 10.39
CA PHE A 265 4.42 -1.87 11.30
C PHE A 265 3.27 -2.59 12.02
N ALA A 266 2.56 -3.49 11.34
CA ALA A 266 1.44 -4.26 11.94
C ALA A 266 1.98 -5.06 13.14
N LEU A 267 3.16 -5.68 12.98
CA LEU A 267 3.77 -6.48 14.07
C LEU A 267 4.13 -5.55 15.23
N ARG A 268 4.65 -4.36 14.94
CA ARG A 268 4.97 -3.37 16.00
C ARG A 268 3.69 -2.94 16.72
N VAL A 269 2.62 -2.65 15.96
CA VAL A 269 1.32 -2.22 16.54
C VAL A 269 0.82 -3.33 17.48
N ALA A 270 0.92 -4.59 17.03
CA ALA A 270 0.48 -5.78 17.81
C ALA A 270 1.20 -5.79 19.16
N GLN A 271 2.49 -5.49 19.16
CA GLN A 271 3.35 -5.52 20.37
C GLN A 271 3.06 -4.31 21.27
N ARG A 272 2.87 -3.10 20.73
CA ARG A 272 2.90 -1.84 21.51
C ARG A 272 1.49 -1.36 21.88
N ILE A 273 0.52 -1.48 20.98
CA ILE A 273 -0.87 -0.96 21.19
C ILE A 273 -1.89 -2.00 20.73
N GLY A 274 -1.53 -3.29 20.75
CA GLY A 274 -2.40 -4.38 20.27
C GLY A 274 -3.75 -4.42 20.98
N ASP A 275 -3.80 -4.04 22.27
CA ASP A 275 -5.05 -4.06 23.06
C ASP A 275 -6.08 -3.08 22.49
N LYS A 276 -5.69 -2.12 21.64
CA LYS A 276 -6.63 -1.18 20.97
C LYS A 276 -7.34 -1.86 19.81
N PHE A 277 -6.93 -3.07 19.41
CA PHE A 277 -7.40 -3.73 18.18
C PHE A 277 -8.02 -5.09 18.49
N CYS A 278 -9.18 -5.36 17.88
CA CYS A 278 -9.78 -6.71 17.86
C CYS A 278 -8.83 -7.65 17.13
N CYS A 279 -8.15 -7.15 16.09
CA CYS A 279 -7.28 -8.02 15.28
C CYS A 279 -6.37 -7.17 14.40
N ILE A 280 -5.32 -7.81 13.94
CA ILE A 280 -4.25 -7.16 13.12
C ILE A 280 -3.92 -8.10 11.96
N VAL A 281 -3.78 -7.53 10.77
CA VAL A 281 -3.42 -8.31 9.57
C VAL A 281 -2.05 -7.85 9.09
N ASN A 282 -1.14 -8.82 8.90
CA ASN A 282 0.22 -8.60 8.39
C ASN A 282 0.33 -9.23 7.00
N LEU A 283 0.26 -8.42 5.95
CA LEU A 283 0.41 -8.94 4.57
C LEU A 283 1.90 -8.87 4.23
N SER A 284 2.64 -9.91 4.61
CA SER A 284 4.02 -10.17 4.14
C SER A 284 5.03 -9.14 4.68
N GLY A 285 4.77 -8.59 5.87
CA GLY A 285 5.84 -8.04 6.73
C GLY A 285 6.45 -9.14 7.56
N GLY A 286 7.61 -8.85 8.13
CA GLY A 286 8.30 -9.79 9.01
C GLY A 286 9.01 -9.02 10.11
N PRO A 287 9.55 -9.73 11.10
CA PRO A 287 10.18 -9.10 12.27
C PRO A 287 11.59 -8.57 12.00
N GLU A 288 12.22 -8.98 10.90
CA GLU A 288 13.49 -8.39 10.44
C GLU A 288 13.62 -8.54 8.92
N ILE A 289 14.47 -7.69 8.34
CA ILE A 289 14.71 -7.62 6.87
C ILE A 289 15.96 -8.42 6.55
N ALA A 290 16.02 -9.02 5.37
CA ALA A 290 17.24 -9.67 4.84
C ALA A 290 18.38 -8.65 4.80
N GLU A 291 19.62 -9.15 4.81
CA GLU A 291 20.85 -8.33 4.74
C GLU A 291 20.71 -7.24 3.67
N PHE A 292 20.88 -5.98 4.05
CA PHE A 292 20.72 -4.82 3.14
C PHE A 292 21.58 -4.97 1.89
N ASP A 293 22.87 -5.28 2.04
CA ASP A 293 23.86 -5.23 0.93
C ASP A 293 23.45 -6.22 -0.17
N LYS A 294 22.73 -7.30 0.17
CA LYS A 294 22.43 -8.42 -0.78
C LYS A 294 20.99 -8.30 -1.29
N LEU A 295 20.27 -7.22 -0.97
CA LEU A 295 18.86 -7.09 -1.43
C LEU A 295 18.82 -7.08 -2.94
N PRO A 296 17.81 -7.75 -3.56
CA PRO A 296 17.70 -7.80 -5.01
C PRO A 296 17.03 -6.57 -5.60
N ARG A 297 17.01 -6.53 -6.93
CA ARG A 297 16.31 -5.50 -7.73
C ARG A 297 16.75 -4.10 -7.25
N ARG A 298 15.81 -3.19 -7.04
CA ARG A 298 16.13 -1.77 -6.70
C ARG A 298 15.87 -1.55 -5.20
N LEU A 299 15.84 -2.62 -4.41
CA LEU A 299 15.42 -2.50 -3.00
C LEU A 299 16.40 -1.65 -2.18
N LYS A 300 17.69 -1.69 -2.46
CA LYS A 300 18.65 -0.87 -1.67
C LYS A 300 18.28 0.61 -1.83
N GLU A 301 18.02 1.04 -3.06
CA GLU A 301 17.75 2.47 -3.37
C GLU A 301 16.35 2.86 -2.87
N ASP A 302 15.43 1.89 -2.86
CA ASP A 302 14.06 2.05 -2.32
C ASP A 302 14.15 2.37 -0.82
N PHE A 303 14.84 1.52 -0.07
CA PHE A 303 15.04 1.72 1.39
C PHE A 303 15.79 3.02 1.64
N GLN A 304 16.85 3.28 0.88
CA GLN A 304 17.65 4.53 1.03
C GLN A 304 16.72 5.73 0.85
N PHE A 305 15.90 5.71 -0.19
CA PHE A 305 15.03 6.86 -0.50
C PHE A 305 14.03 7.08 0.65
N ALA A 306 13.36 6.01 1.11
CA ALA A 306 12.30 6.11 2.14
C ALA A 306 12.92 6.62 3.45
N PHE A 307 14.13 6.18 3.80
CA PHE A 307 14.77 6.56 5.08
C PHE A 307 15.58 7.85 4.92
N MET A 308 15.72 8.36 3.70
CA MET A 308 16.51 9.56 3.35
C MET A 308 17.94 9.39 3.89
N GLN A 309 18.52 8.22 3.63
CA GLN A 309 19.90 7.83 4.05
C GLN A 309 20.66 7.23 2.88
N ASP A 310 21.99 7.21 2.97
CA ASP A 310 22.85 6.60 1.93
C ASP A 310 23.06 5.12 2.26
N ASN A 311 23.67 4.41 1.34
CA ASN A 311 23.93 2.94 1.41
C ASN A 311 24.62 2.62 2.75
N SER A 312 25.60 3.41 3.18
CA SER A 312 26.50 3.05 4.31
C SER A 312 25.75 3.10 5.65
N HIS A 313 24.59 3.77 5.71
CA HIS A 313 23.81 3.96 6.95
C HIS A 313 22.70 2.91 7.08
N MET A 314 22.43 2.13 6.03
CA MET A 314 21.15 1.37 5.98
C MET A 314 21.22 0.08 6.81
N GLN A 315 22.34 -0.64 6.88
CA GLN A 315 22.34 -1.89 7.67
C GLN A 315 22.11 -1.56 9.15
N SER A 316 22.65 -0.45 9.64
CA SER A 316 22.45 -0.02 11.05
C SER A 316 20.96 0.22 11.30
N ILE A 317 20.27 0.81 10.33
CA ILE A 317 18.80 1.04 10.44
C ILE A 317 18.08 -0.32 10.46
N PHE A 318 18.51 -1.28 9.62
CA PHE A 318 17.92 -2.64 9.59
C PHE A 318 18.11 -3.30 10.96
N ASP A 319 19.29 -3.11 11.57
CA ASP A 319 19.59 -3.68 12.90
C ASP A 319 18.61 -3.12 13.94
N GLU A 320 18.32 -1.81 13.86
CA GLU A 320 17.36 -1.09 14.75
C GLU A 320 15.92 -1.59 14.49
N ILE A 321 15.56 -1.81 13.23
CA ILE A 321 14.21 -2.27 12.82
C ILE A 321 13.90 -3.63 13.47
N LYS A 322 14.90 -4.51 13.57
CA LYS A 322 14.70 -5.92 14.00
C LYS A 322 13.90 -5.94 15.32
N LEU A 323 12.80 -6.69 15.34
CA LEU A 323 11.90 -6.77 16.53
C LEU A 323 12.54 -7.68 17.57
N ASP A 324 12.25 -7.39 18.83
CA ASP A 324 12.38 -8.38 19.93
C ASP A 324 11.08 -9.19 19.92
N ILE A 325 11.13 -10.40 19.35
CA ILE A 325 9.93 -11.26 19.12
C ILE A 325 9.50 -11.90 20.44
N SER A 326 10.31 -11.78 21.51
CA SER A 326 9.96 -12.24 22.88
C SER A 326 8.97 -11.26 23.52
N LEU A 327 8.89 -10.02 23.03
CA LEU A 327 7.88 -9.02 23.49
C LEU A 327 6.50 -9.50 23.02
N PRO A 328 5.52 -9.67 23.94
CA PRO A 328 4.28 -10.35 23.60
C PRO A 328 3.42 -9.55 22.60
N CYS A 329 2.72 -10.23 21.71
CA CYS A 329 1.70 -9.62 20.84
C CYS A 329 0.37 -9.66 21.60
N LYS A 330 -0.32 -8.52 21.63
CA LYS A 330 -1.42 -8.21 22.58
C LYS A 330 -2.79 -8.33 21.92
N THR A 331 -2.88 -8.97 20.76
CA THR A 331 -4.18 -9.25 20.10
C THR A 331 -3.98 -10.37 19.08
N LYS A 332 -5.04 -10.68 18.33
CA LYS A 332 -5.06 -11.72 17.28
C LYS A 332 -4.40 -11.16 16.02
N VAL A 333 -3.42 -11.90 15.48
CA VAL A 333 -2.65 -11.50 14.27
C VAL A 333 -2.81 -12.59 13.21
N PHE A 334 -3.08 -12.17 11.98
CA PHE A 334 -3.14 -13.04 10.77
C PHE A 334 -2.06 -12.56 9.83
N THR A 335 -1.08 -13.41 9.54
CA THR A 335 0.02 -13.12 8.58
C THR A 335 -0.21 -13.94 7.32
N VAL A 336 -0.10 -13.31 6.17
CA VAL A 336 -0.03 -13.98 4.85
C VAL A 336 1.41 -13.82 4.37
N HIS A 337 2.10 -14.91 4.06
CA HIS A 337 3.53 -14.86 3.68
C HIS A 337 3.85 -15.90 2.62
N GLY A 338 4.80 -15.56 1.76
CA GLY A 338 5.31 -16.42 0.69
C GLY A 338 6.59 -17.12 1.12
N GLU A 339 6.68 -18.43 0.88
CA GLU A 339 7.90 -19.22 1.17
C GLU A 339 9.13 -18.56 0.51
N LEU A 340 8.98 -17.96 -0.67
CA LEU A 340 10.14 -17.47 -1.47
C LEU A 340 10.34 -15.96 -1.30
N ASP A 341 9.76 -15.36 -0.26
CA ASP A 341 9.96 -13.91 0.03
C ASP A 341 11.46 -13.64 0.22
N ASP A 342 12.02 -12.69 -0.55
CA ASP A 342 13.47 -12.37 -0.56
C ASP A 342 13.71 -11.02 0.15
N ILE A 343 12.73 -10.54 0.91
CA ILE A 343 12.85 -9.29 1.72
C ILE A 343 12.66 -9.67 3.18
N PHE A 344 11.53 -10.27 3.50
CA PHE A 344 11.19 -10.79 4.84
C PHE A 344 11.25 -12.31 4.75
N GLN A 345 12.34 -12.89 5.22
CA GLN A 345 12.60 -14.33 5.01
C GLN A 345 11.60 -15.13 5.85
N ILE A 346 11.05 -16.19 5.26
CA ILE A 346 9.97 -17.03 5.87
C ILE A 346 10.44 -17.63 7.20
N ASP A 347 11.72 -17.96 7.34
CA ASP A 347 12.23 -18.62 8.57
C ASP A 347 11.96 -17.71 9.78
N LYS A 348 12.19 -16.40 9.63
CA LYS A 348 12.00 -15.41 10.71
C LYS A 348 10.51 -15.28 11.01
N VAL A 349 9.66 -15.31 9.98
CA VAL A 349 8.18 -15.25 10.17
C VAL A 349 7.70 -16.53 10.90
N LYS A 350 8.23 -17.69 10.53
CA LYS A 350 7.79 -18.96 11.15
C LYS A 350 8.22 -18.99 12.63
N LYS A 351 9.40 -18.46 12.95
CA LYS A 351 9.91 -18.36 14.34
C LYS A 351 8.94 -17.50 15.14
N LEU A 352 8.51 -16.36 14.60
CA LEU A 352 7.54 -15.45 15.27
C LEU A 352 6.21 -16.19 15.47
N ASP A 353 5.75 -16.90 14.43
CA ASP A 353 4.47 -17.66 14.46
C ASP A 353 4.50 -18.65 15.63
N GLN A 354 5.62 -19.36 15.79
CA GLN A 354 5.81 -20.38 16.85
C GLN A 354 5.81 -19.70 18.23
N LEU A 355 6.60 -18.65 18.40
CA LEU A 355 6.78 -17.93 19.69
C LEU A 355 5.46 -17.26 20.10
N TRP A 356 4.70 -16.69 19.16
CA TRP A 356 3.45 -15.93 19.48
C TRP A 356 2.27 -16.90 19.65
N GLY A 357 2.43 -18.17 19.29
CA GLY A 357 1.49 -19.26 19.61
C GLY A 357 0.09 -19.01 19.08
N ASP A 358 -0.93 -19.20 19.91
CA ASP A 358 -2.37 -19.25 19.50
C ASP A 358 -2.87 -17.88 19.05
N ASN A 359 -2.19 -16.80 19.42
CA ASN A 359 -2.57 -15.41 19.05
C ASN A 359 -2.14 -15.07 17.62
N HIS A 360 -1.30 -15.90 16.98
CA HIS A 360 -0.79 -15.65 15.61
C HIS A 360 -1.17 -16.80 14.67
N GLN A 361 -1.89 -16.49 13.58
CA GLN A 361 -2.21 -17.44 12.48
C GLN A 361 -1.35 -17.10 11.26
N LEU A 362 -0.72 -18.11 10.66
CA LEU A 362 0.13 -17.96 9.45
C LEU A 362 -0.51 -18.69 8.28
N LEU A 363 -0.78 -17.96 7.20
CA LEU A 363 -1.12 -18.54 5.88
C LEU A 363 0.13 -18.42 5.02
N CYS A 364 0.78 -19.54 4.75
CA CYS A 364 2.08 -19.61 4.03
C CYS A 364 1.83 -20.26 2.68
N TYR A 365 2.12 -19.53 1.60
CA TYR A 365 2.00 -20.04 0.21
C TYR A 365 3.37 -20.54 -0.26
N GLU A 366 3.44 -21.82 -0.63
CA GLU A 366 4.69 -22.62 -0.85
C GLU A 366 5.59 -22.03 -1.95
N SER A 367 5.01 -21.53 -3.04
CA SER A 367 5.76 -21.12 -4.26
C SER A 367 5.53 -19.64 -4.58
N GLU A 368 5.28 -18.83 -3.56
CA GLU A 368 4.96 -17.38 -3.74
C GLU A 368 6.16 -16.53 -3.30
N ALA A 369 6.40 -15.46 -4.05
CA ALA A 369 7.35 -14.40 -3.71
C ALA A 369 6.67 -13.41 -2.74
N HIS A 370 7.38 -12.34 -2.41
CA HIS A 370 6.95 -11.32 -1.44
C HIS A 370 5.53 -10.84 -1.76
N VAL A 371 4.64 -10.89 -0.79
CA VAL A 371 3.23 -10.38 -0.83
C VAL A 371 2.33 -11.36 -1.59
N CYS A 372 2.86 -12.47 -2.10
CA CYS A 372 2.02 -13.60 -2.61
C CYS A 372 1.02 -13.04 -3.63
N LEU A 373 1.49 -12.23 -4.56
CA LEU A 373 0.55 -11.43 -5.39
C LEU A 373 -0.18 -12.31 -6.41
N ASN A 374 0.25 -13.54 -6.67
CA ASN A 374 -0.54 -14.46 -7.53
C ASN A 374 -1.82 -14.89 -6.83
N LYS A 375 -1.93 -14.67 -5.51
CA LYS A 375 -3.03 -15.18 -4.65
C LYS A 375 -3.82 -14.04 -4.01
N ILE A 376 -3.55 -12.79 -4.35
CA ILE A 376 -4.07 -11.64 -3.56
C ILE A 376 -5.61 -11.61 -3.58
N ASN A 377 -6.25 -11.89 -4.71
CA ASN A 377 -7.73 -11.94 -4.73
C ASN A 377 -8.23 -12.98 -3.71
N GLU A 378 -7.74 -14.21 -3.79
CA GLU A 378 -8.22 -15.28 -2.88
C GLU A 378 -7.88 -14.91 -1.42
N TYR A 379 -6.67 -14.45 -1.13
CA TYR A 379 -6.29 -14.27 0.28
C TYR A 379 -6.99 -13.02 0.84
N MET A 380 -7.31 -12.02 0.02
CA MET A 380 -8.06 -10.86 0.53
C MET A 380 -9.51 -11.25 0.82
N ILE A 381 -10.10 -12.15 0.05
CA ILE A 381 -11.43 -12.74 0.42
C ILE A 381 -11.30 -13.35 1.82
N GLN A 382 -10.31 -14.21 2.02
CA GLN A 382 -10.16 -14.94 3.30
C GLN A 382 -9.87 -13.93 4.42
N VAL A 383 -8.95 -13.01 4.19
CA VAL A 383 -8.55 -12.00 5.21
C VAL A 383 -9.77 -11.16 5.61
N SER A 384 -10.55 -10.67 4.66
CA SER A 384 -11.69 -9.78 4.96
C SER A 384 -12.73 -10.54 5.80
N ASP A 385 -12.98 -11.81 5.48
CA ASP A 385 -13.93 -12.63 6.29
C ASP A 385 -13.33 -12.93 7.66
N TRP A 386 -12.02 -13.11 7.77
CA TRP A 386 -11.36 -13.33 9.09
C TRP A 386 -11.53 -12.10 9.96
N VAL A 387 -11.35 -10.90 9.41
CA VAL A 387 -11.54 -9.63 10.18
C VAL A 387 -12.99 -9.54 10.67
N SER A 388 -13.96 -9.80 9.81
CA SER A 388 -15.40 -9.80 10.18
C SER A 388 -15.62 -10.75 11.35
N GLU A 389 -15.04 -11.95 11.27
CA GLU A 389 -15.15 -13.00 12.32
C GLU A 389 -14.59 -12.46 13.65
N GLN A 390 -13.46 -11.75 13.61
CA GLN A 390 -12.84 -11.21 14.86
C GLN A 390 -13.76 -10.13 15.46
N PHE A 391 -14.40 -9.29 14.64
CA PHE A 391 -15.36 -8.27 15.15
C PHE A 391 -16.54 -8.99 15.79
N TRP A 392 -17.04 -10.04 15.13
CA TRP A 392 -18.17 -10.88 15.63
C TRP A 392 -17.80 -11.52 16.98
N LEU A 393 -16.56 -12.01 17.12
CA LEU A 393 -16.04 -12.62 18.37
C LEU A 393 -16.03 -11.57 19.50
N ASN A 394 -15.87 -10.29 19.14
CA ASN A 394 -15.84 -9.15 20.10
C ASN A 394 -17.23 -8.52 20.22
N GLY A 395 -18.28 -9.21 19.76
CA GLY A 395 -19.69 -8.90 20.06
C GLY A 395 -20.36 -8.06 18.99
N TYR A 396 -19.80 -7.93 17.79
CA TYR A 396 -20.45 -7.18 16.69
C TYR A 396 -21.60 -8.01 16.11
#